data_7G97
#
_entry.id   7G97
#
_cell.length_a   71.226
_cell.length_b   71.226
_cell.length_c   196.058
_cell.angle_alpha   90.000
_cell.angle_beta   90.000
_cell.angle_gamma   90.000
#
_symmetry.space_group_name_H-M   'P 43 21 2'
#
loop_
_entity.id
_entity.type
_entity.pdbx_description
1 polymer 'Transforming protein RhoA'
2 polymer 'Rho guanine nucleotide exchange factor 2'
3 non-polymer 2-AMINOMETHYL-PYRIDINE
4 non-polymer 'DIMETHYL SULFOXIDE'
5 non-polymer 'FORMIC ACID'
6 water water
#
loop_
_entity_poly.entity_id
_entity_poly.type
_entity_poly.pdbx_seq_one_letter_code
_entity_poly.pdbx_strand_id
1 'polypeptide(L)'
;SMAAIRKKLVIVGDGACGKTCLLIVFSKDQFPEVYVPTVFENYVADIEVDGKQVELALWDTAGQEDYDRLRPLSYPDTDV
ILMCFSIDSPDSLENIPEKWTPEVKHFCPNVPIILVGNKKDLRNDEHTRRELAKMKQEPVKPEEGRDMANRIGAFGYMEC
SAKTKDGVREVFEMATRAALQARRG
;
A
2 'polypeptide(L)'
;SMEMDEKDFAADSWSLAVDSSFLQQHKKEVMKQQDVIYELIQTELHHVRTLKIMTRLFRTGMLEELHLEPGVVQGLFPCV
DELSDIHTRFLSQLLERRRQALCPGSTRNFVIHRLGDLLISQFSGPSAEQMCKTYSEFCSRHSKALKLYKELYARDKRFQ
QFIRKVTRPAVLKRHGVQECILLVTQRITKYPLLISRILQHSHGIEEERQDLTTALGLVKELLSNVDEGIYQLEKGARLQ
EIYNR
;
B
#
# COMPACT_ATOMS: atom_id res chain seq x y z
N ALA A 4 -5.12 -15.33 -18.79
CA ALA A 4 -5.27 -13.96 -19.34
C ALA A 4 -3.91 -13.28 -19.31
N ILE A 5 -3.82 -12.04 -19.83
CA ILE A 5 -2.53 -11.37 -19.86
C ILE A 5 -2.44 -10.45 -18.65
N ARG A 6 -1.22 -10.26 -18.14
CA ARG A 6 -1.02 -9.63 -16.85
C ARG A 6 -0.28 -8.30 -17.05
N LYS A 7 -0.86 -7.22 -16.50
CA LYS A 7 -0.28 -5.89 -16.61
C LYS A 7 -0.22 -5.23 -15.23
N LYS A 8 0.72 -4.28 -15.06
CA LYS A 8 0.93 -3.62 -13.79
C LYS A 8 0.64 -2.13 -13.95
N LEU A 9 -0.11 -1.56 -13.00
CA LEU A 9 -0.41 -0.13 -12.96
C LEU A 9 0.09 0.44 -11.65
N VAL A 10 0.74 1.61 -11.70
CA VAL A 10 1.13 2.37 -10.51
C VAL A 10 0.57 3.78 -10.58
N ILE A 11 0.06 4.27 -9.44
CA ILE A 11 -0.46 5.62 -9.25
C ILE A 11 0.57 6.39 -8.45
N VAL A 12 0.95 7.55 -9.00
CA VAL A 12 1.93 8.45 -8.41
C VAL A 12 1.25 9.82 -8.34
N GLY A 13 1.88 10.73 -7.59
CA GLY A 13 1.33 12.06 -7.35
C GLY A 13 1.40 12.44 -5.88
N ASP A 14 0.99 13.67 -5.56
CA ASP A 14 1.29 14.19 -4.24
C ASP A 14 0.36 13.58 -3.22
N GLY A 15 0.85 13.44 -1.97
CA GLY A 15 0.09 12.98 -0.82
C GLY A 15 -1.19 13.81 -0.61
N ALA A 16 -2.32 13.12 -0.40
CA ALA A 16 -3.64 13.74 -0.44
C ALA A 16 -3.86 14.48 -1.75
N CYS A 17 -3.69 13.73 -2.86
CA CYS A 17 -4.32 14.04 -4.14
C CYS A 17 -5.43 13.01 -4.43
N GLY A 18 -5.64 12.08 -3.46
CA GLY A 18 -6.70 11.08 -3.49
C GLY A 18 -6.25 9.73 -4.08
N LYS A 19 -4.93 9.45 -4.13
CA LYS A 19 -4.44 8.23 -4.75
C LYS A 19 -5.07 6.97 -4.13
N THR A 20 -4.99 6.89 -2.82
CA THR A 20 -5.49 5.72 -2.11
C THR A 20 -6.99 5.60 -2.28
N CYS A 21 -7.74 6.68 -2.09
CA CYS A 21 -9.19 6.64 -2.19
C CYS A 21 -9.64 6.10 -3.55
N LEU A 22 -8.93 6.51 -4.62
CA LEU A 22 -9.29 6.12 -5.98
C LEU A 22 -9.07 4.61 -6.16
N LEU A 23 -7.93 4.12 -5.71
CA LEU A 23 -7.67 2.70 -5.87
C LEU A 23 -8.71 1.90 -5.12
N ILE A 24 -9.08 2.33 -3.92
CA ILE A 24 -10.04 1.65 -3.04
C ILE A 24 -11.44 1.64 -3.66
N VAL A 25 -11.88 2.79 -4.15
CA VAL A 25 -13.21 2.86 -4.73
C VAL A 25 -13.30 1.95 -5.96
N PHE A 26 -12.22 1.78 -6.71
CA PHE A 26 -12.31 0.96 -7.92
C PHE A 26 -12.30 -0.52 -7.56
N SER A 27 -11.45 -0.86 -6.60
CA SER A 27 -11.19 -2.26 -6.25
C SER A 27 -12.40 -2.86 -5.51
N LYS A 28 -13.08 -2.11 -4.66
CA LYS A 28 -14.32 -2.58 -4.03
C LYS A 28 -15.55 -2.36 -4.92
N ASP A 29 -15.48 -1.34 -5.80
CA ASP A 29 -16.56 -0.89 -6.66
C ASP A 29 -17.69 -0.27 -5.82
N GLN A 30 -17.31 0.42 -4.73
CA GLN A 30 -18.26 1.04 -3.80
C GLN A 30 -17.53 2.18 -3.09
N PHE A 31 -18.15 3.36 -2.91
CA PHE A 31 -17.62 4.27 -1.89
C PHE A 31 -18.02 3.67 -0.56
N PRO A 32 -17.08 3.02 0.19
CA PRO A 32 -17.43 2.24 1.37
C PRO A 32 -18.15 3.12 2.39
N GLU A 33 -19.34 2.69 2.85
CA GLU A 33 -20.21 3.56 3.62
C GLU A 33 -19.73 3.69 5.07
N VAL A 34 -19.04 2.67 5.57
CA VAL A 34 -18.77 2.59 6.99
C VAL A 34 -17.39 3.13 7.32
N TYR A 35 -16.35 2.66 6.65
CA TYR A 35 -14.99 3.09 6.96
C TYR A 35 -14.12 3.12 5.70
N VAL A 36 -13.34 4.18 5.56
CA VAL A 36 -12.50 4.32 4.38
C VAL A 36 -11.13 3.92 4.87
N PRO A 37 -10.53 2.82 4.36
CA PRO A 37 -9.21 2.42 4.81
C PRO A 37 -8.21 3.55 4.65
N THR A 38 -7.26 3.59 5.57
CA THR A 38 -6.11 4.48 5.52
C THR A 38 -5.16 4.03 4.42
N VAL A 39 -5.06 2.71 4.18
CA VAL A 39 -4.01 2.21 3.30
C VAL A 39 -4.56 1.18 2.30
N PHE A 40 -3.83 1.07 1.20
CA PHE A 40 -4.07 0.11 0.14
C PHE A 40 -2.85 -0.79 0.01
N GLU A 41 -3.04 -2.11 -0.06
CA GLU A 41 -1.94 -3.06 -0.11
C GLU A 41 -1.55 -3.30 -1.56
N ASN A 42 -2.36 -4.09 -2.24
CA ASN A 42 -2.35 -4.26 -3.67
C ASN A 42 -3.68 -4.92 -4.03
N TYR A 43 -3.90 -5.11 -5.33
CA TYR A 43 -5.14 -5.67 -5.82
C TYR A 43 -4.91 -6.09 -7.26
N VAL A 44 -5.66 -7.08 -7.75
CA VAL A 44 -5.49 -7.59 -9.11
C VAL A 44 -6.84 -7.64 -9.78
N ALA A 45 -7.10 -6.66 -10.65
CA ALA A 45 -8.42 -6.48 -11.22
C ALA A 45 -8.61 -7.37 -12.45
N ASP A 46 -9.82 -7.93 -12.58
CA ASP A 46 -10.20 -8.60 -13.80
C ASP A 46 -10.97 -7.60 -14.64
N ILE A 47 -10.39 -7.22 -15.76
CA ILE A 47 -10.96 -6.17 -16.57
C ILE A 47 -11.12 -6.77 -17.96
N GLU A 48 -12.28 -6.57 -18.54
CA GLU A 48 -12.40 -6.83 -19.96
C GLU A 48 -12.59 -5.51 -20.71
N VAL A 49 -11.68 -5.17 -21.60
CA VAL A 49 -11.83 -3.92 -22.32
C VAL A 49 -11.65 -4.17 -23.80
N ASP A 50 -12.65 -3.74 -24.59
CA ASP A 50 -12.62 -3.83 -26.04
C ASP A 50 -12.42 -5.30 -26.46
N GLY A 51 -13.00 -6.23 -25.70
CA GLY A 51 -12.95 -7.65 -25.99
C GLY A 51 -11.67 -8.35 -25.55
N LYS A 52 -10.73 -7.65 -24.89
CA LYS A 52 -9.56 -8.29 -24.32
C LYS A 52 -9.64 -8.39 -22.79
N GLN A 53 -9.28 -9.57 -22.27
CA GLN A 53 -9.30 -9.84 -20.84
C GLN A 53 -7.90 -9.64 -20.31
N VAL A 54 -7.80 -8.85 -19.24
CA VAL A 54 -6.52 -8.54 -18.63
C VAL A 54 -6.64 -8.67 -17.11
N GLU A 55 -5.57 -9.19 -16.52
CA GLU A 55 -5.33 -9.07 -15.09
C GLU A 55 -4.46 -7.83 -14.86
N LEU A 56 -5.03 -6.84 -14.18
CA LEU A 56 -4.38 -5.56 -13.89
C LEU A 56 -4.07 -5.47 -12.40
N ALA A 57 -2.79 -5.55 -12.07
CA ALA A 57 -2.31 -5.36 -10.72
C ALA A 57 -2.22 -3.87 -10.41
N LEU A 58 -2.83 -3.47 -9.29
CA LEU A 58 -2.85 -2.08 -8.84
C LEU A 58 -1.94 -1.88 -7.64
N TRP A 59 -1.16 -0.80 -7.72
CA TRP A 59 -0.18 -0.43 -6.72
C TRP A 59 -0.27 1.07 -6.42
N ASP A 60 -0.15 1.39 -5.14
CA ASP A 60 -0.11 2.77 -4.62
C ASP A 60 1.34 3.14 -4.31
N THR A 61 1.66 4.44 -4.35
CA THR A 61 2.92 4.94 -3.84
C THR A 61 2.69 5.78 -2.59
N ALA A 62 1.48 5.80 -2.05
CA ALA A 62 1.17 6.54 -0.82
C ALA A 62 2.09 6.14 0.34
N GLY A 63 2.67 7.15 1.00
CA GLY A 63 3.63 6.94 2.07
C GLY A 63 5.09 7.03 1.58
N GLN A 64 5.30 6.90 0.27
CA GLN A 64 6.65 6.81 -0.26
C GLN A 64 7.14 8.15 -0.76
N GLU A 65 6.31 9.21 -0.67
CA GLU A 65 6.64 10.52 -1.24
C GLU A 65 7.93 11.16 -0.67
N ASP A 66 8.32 10.92 0.59
CA ASP A 66 9.51 11.58 1.13
C ASP A 66 10.76 10.69 1.06
N TYR A 67 10.69 9.51 0.40
CA TYR A 67 11.74 8.51 0.52
C TYR A 67 12.26 8.11 -0.87
N ASP A 68 13.26 8.88 -1.34
CA ASP A 68 13.62 8.94 -2.75
C ASP A 68 14.36 7.67 -3.18
N ARG A 69 14.85 6.84 -2.26
CA ARG A 69 15.45 5.58 -2.68
C ARG A 69 14.46 4.42 -2.46
N LEU A 70 13.47 4.55 -1.59
CA LEU A 70 12.47 3.50 -1.45
C LEU A 70 11.43 3.53 -2.58
N ARG A 71 10.91 4.73 -2.89
CA ARG A 71 9.84 4.92 -3.85
C ARG A 71 10.08 4.20 -5.18
N PRO A 72 11.26 4.33 -5.82
CA PRO A 72 11.47 3.72 -7.13
C PRO A 72 11.35 2.22 -7.21
N LEU A 73 11.37 1.53 -6.05
CA LEU A 73 11.26 0.07 -6.05
C LEU A 73 9.85 -0.36 -6.42
N SER A 74 8.93 0.60 -6.46
CA SER A 74 7.57 0.39 -6.92
C SER A 74 7.51 0.29 -8.46
N TYR A 75 8.54 0.80 -9.17
CA TYR A 75 8.43 1.07 -10.59
C TYR A 75 8.74 -0.13 -11.48
N PRO A 76 9.58 -1.12 -11.12
CA PRO A 76 9.98 -2.14 -12.09
C PRO A 76 8.81 -2.90 -12.74
N ASP A 77 8.84 -2.98 -14.07
CA ASP A 77 7.90 -3.74 -14.87
C ASP A 77 6.52 -3.07 -14.92
N THR A 78 6.41 -1.77 -14.63
CA THR A 78 5.15 -1.07 -14.79
C THR A 78 4.76 -0.96 -16.27
N ASP A 79 3.48 -1.16 -16.56
CA ASP A 79 2.97 -1.04 -17.91
C ASP A 79 2.19 0.26 -18.09
N VAL A 80 1.65 0.84 -17.01
CA VAL A 80 1.00 2.14 -17.14
C VAL A 80 1.08 2.90 -15.82
N ILE A 81 1.27 4.21 -15.92
CA ILE A 81 1.33 5.11 -14.79
C ILE A 81 0.07 5.98 -14.78
N LEU A 82 -0.65 6.08 -13.65
CA LEU A 82 -1.66 7.11 -13.46
C LEU A 82 -1.02 8.20 -12.64
N MET A 83 -0.94 9.38 -13.22
CA MET A 83 -0.27 10.46 -12.56
C MET A 83 -1.36 11.43 -12.08
N CYS A 84 -1.58 11.50 -10.76
CA CYS A 84 -2.76 12.16 -10.19
C CYS A 84 -2.43 13.51 -9.62
N PHE A 85 -3.41 14.40 -9.76
CA PHE A 85 -3.43 15.61 -8.98
C PHE A 85 -4.87 15.80 -8.55
N SER A 86 -5.04 16.71 -7.60
CA SER A 86 -6.34 17.02 -7.05
C SER A 86 -6.79 18.36 -7.62
N ILE A 87 -8.00 18.39 -8.16
CA ILE A 87 -8.54 19.58 -8.77
C ILE A 87 -8.71 20.70 -7.73
N ASP A 88 -8.90 20.36 -6.45
CA ASP A 88 -8.99 21.39 -5.42
C ASP A 88 -7.62 21.90 -5.00
N SER A 89 -6.54 21.45 -5.66
CA SER A 89 -5.20 21.79 -5.23
C SER A 89 -4.32 22.17 -6.42
N PRO A 90 -4.34 23.44 -6.87
CA PRO A 90 -3.47 23.89 -7.97
C PRO A 90 -1.99 23.62 -7.79
N ASP A 91 -1.52 23.52 -6.53
CA ASP A 91 -0.12 23.24 -6.25
C ASP A 91 0.21 21.79 -6.62
N SER A 92 -0.73 20.86 -6.37
CA SER A 92 -0.53 19.48 -6.73
C SER A 92 -0.30 19.37 -8.25
N LEU A 93 -0.75 20.37 -9.02
CA LEU A 93 -0.55 20.37 -10.47
C LEU A 93 0.78 21.02 -10.90
N GLU A 94 1.19 22.11 -10.22
CA GLU A 94 2.53 22.65 -10.37
C GLU A 94 3.64 21.58 -10.21
N ASN A 95 3.44 20.55 -9.35
CA ASN A 95 4.51 19.59 -9.07
C ASN A 95 4.57 18.45 -10.08
N ILE A 96 3.57 18.35 -10.97
CA ILE A 96 3.59 17.32 -11.96
C ILE A 96 4.86 17.41 -12.82
N PRO A 97 5.13 18.55 -13.50
CA PRO A 97 6.34 18.67 -14.33
C PRO A 97 7.65 18.89 -13.58
N GLU A 98 7.57 19.45 -12.38
CA GLU A 98 8.73 19.67 -11.54
C GLU A 98 9.32 18.34 -11.06
N LYS A 99 8.49 17.51 -10.41
CA LYS A 99 8.98 16.41 -9.61
C LYS A 99 8.65 15.06 -10.24
N TRP A 100 7.36 14.84 -10.55
CA TRP A 100 6.85 13.52 -10.89
C TRP A 100 7.21 13.06 -12.30
N THR A 101 7.02 13.94 -13.30
CA THR A 101 7.36 13.62 -14.68
C THR A 101 8.85 13.26 -14.86
N PRO A 102 9.82 14.07 -14.40
CA PRO A 102 11.22 13.73 -14.56
C PRO A 102 11.58 12.39 -13.92
N GLU A 103 11.04 12.13 -12.73
CA GLU A 103 11.25 10.86 -12.07
C GLU A 103 10.71 9.72 -12.92
N VAL A 104 9.45 9.80 -13.33
CA VAL A 104 8.82 8.68 -14.03
C VAL A 104 9.55 8.44 -15.37
N LYS A 105 9.92 9.52 -16.04
CA LYS A 105 10.61 9.36 -17.32
C LYS A 105 12.03 8.84 -17.15
N HIS A 106 12.76 9.20 -16.07
CA HIS A 106 14.06 8.63 -15.78
C HIS A 106 13.96 7.12 -15.61
N PHE A 107 13.05 6.66 -14.75
CA PHE A 107 13.04 5.25 -14.39
C PHE A 107 12.33 4.42 -15.46
N CYS A 108 11.41 5.04 -16.21
CA CYS A 108 10.38 4.31 -16.93
C CYS A 108 10.04 5.06 -18.21
N PRO A 109 11.06 5.33 -19.06
CA PRO A 109 10.98 6.37 -20.07
C PRO A 109 9.92 6.20 -21.16
N ASN A 110 9.54 4.94 -21.47
CA ASN A 110 8.59 4.74 -22.56
C ASN A 110 7.28 4.11 -22.08
N VAL A 111 7.03 4.18 -20.76
CA VAL A 111 5.76 3.79 -20.19
C VAL A 111 4.73 4.90 -20.42
N PRO A 112 3.51 4.59 -20.91
CA PRO A 112 2.46 5.59 -20.96
C PRO A 112 1.97 6.13 -19.61
N ILE A 113 1.78 7.44 -19.60
CA ILE A 113 1.34 8.20 -18.45
C ILE A 113 -0.04 8.75 -18.77
N ILE A 114 -1.01 8.51 -17.88
CA ILE A 114 -2.29 9.18 -18.00
C ILE A 114 -2.38 10.17 -16.86
N LEU A 115 -2.69 11.42 -17.18
CA LEU A 115 -2.80 12.45 -16.17
C LEU A 115 -4.25 12.50 -15.73
N VAL A 116 -4.47 12.39 -14.41
CA VAL A 116 -5.81 12.24 -13.86
C VAL A 116 -6.10 13.35 -12.84
N GLY A 117 -7.12 14.16 -13.13
CA GLY A 117 -7.62 15.12 -12.15
C GLY A 117 -8.67 14.48 -11.24
N ASN A 118 -8.31 14.28 -9.97
CA ASN A 118 -9.18 13.71 -8.95
C ASN A 118 -10.04 14.81 -8.33
N LYS A 119 -11.12 14.38 -7.68
CA LYS A 119 -11.99 15.24 -6.88
C LYS A 119 -12.61 16.33 -7.74
N LYS A 120 -13.10 15.97 -8.92
CA LYS A 120 -13.73 16.94 -9.78
C LYS A 120 -15.03 17.47 -9.20
N ASP A 121 -15.68 16.73 -8.29
CA ASP A 121 -16.84 17.15 -7.50
C ASP A 121 -16.59 18.46 -6.75
N LEU A 122 -15.36 18.65 -6.24
CA LEU A 122 -14.99 19.84 -5.49
C LEU A 122 -14.99 21.12 -6.36
N ARG A 123 -15.01 20.98 -7.67
CA ARG A 123 -15.06 22.15 -8.53
C ARG A 123 -16.35 22.94 -8.22
N ASN A 124 -17.45 22.27 -7.84
CA ASN A 124 -18.71 22.93 -7.55
C ASN A 124 -19.03 22.81 -6.06
N ASP A 125 -18.14 23.37 -5.24
CA ASP A 125 -18.24 23.25 -3.79
C ASP A 125 -17.86 24.59 -3.17
N GLU A 126 -18.74 25.04 -2.27
CA GLU A 126 -18.73 26.41 -1.76
C GLU A 126 -17.47 26.56 -0.92
N HIS A 127 -17.29 25.62 0.02
CA HIS A 127 -16.20 25.67 0.98
C HIS A 127 -14.87 25.82 0.22
N THR A 128 -14.65 24.93 -0.76
CA THR A 128 -13.36 24.85 -1.45
C THR A 128 -13.08 26.12 -2.26
N ARG A 129 -14.09 26.64 -2.94
CA ARG A 129 -13.92 27.87 -3.70
C ARG A 129 -13.42 28.96 -2.76
N ARG A 130 -14.05 29.06 -1.57
CA ARG A 130 -13.72 30.11 -0.61
C ARG A 130 -12.32 29.90 -0.05
N GLU A 131 -12.01 28.69 0.40
CA GLU A 131 -10.69 28.43 0.96
C GLU A 131 -9.60 28.77 -0.06
N LEU A 132 -9.85 28.50 -1.36
CA LEU A 132 -8.83 28.69 -2.38
C LEU A 132 -8.70 30.15 -2.73
N ALA A 133 -9.84 30.87 -2.77
CA ALA A 133 -9.87 32.31 -2.96
C ALA A 133 -8.97 33.05 -1.97
N LYS A 134 -8.69 32.49 -0.78
CA LYS A 134 -7.87 33.18 0.20
C LYS A 134 -6.39 33.18 -0.17
N MET A 135 -5.90 32.15 -0.89
CA MET A 135 -4.53 32.21 -1.39
C MET A 135 -4.52 32.60 -2.89
N LYS A 136 -5.65 33.21 -3.31
CA LYS A 136 -5.83 33.92 -4.58
C LYS A 136 -5.83 32.92 -5.74
N GLN A 137 -6.62 31.86 -5.61
CA GLN A 137 -6.60 30.77 -6.55
C GLN A 137 -8.00 30.21 -6.69
N GLU A 138 -8.15 29.33 -7.67
CA GLU A 138 -9.41 28.65 -7.86
C GLU A 138 -9.11 27.20 -8.24
N PRO A 139 -10.13 26.33 -8.21
CA PRO A 139 -10.00 24.95 -8.68
C PRO A 139 -9.42 24.88 -10.09
N VAL A 140 -8.67 23.81 -10.34
CA VAL A 140 -8.09 23.58 -11.65
C VAL A 140 -9.19 23.51 -12.69
N LYS A 141 -9.01 24.24 -13.79
CA LYS A 141 -9.98 24.22 -14.88
C LYS A 141 -9.62 23.08 -15.83
N PRO A 142 -10.60 22.50 -16.55
CA PRO A 142 -10.33 21.35 -17.43
C PRO A 142 -9.28 21.62 -18.50
N GLU A 143 -9.23 22.88 -18.95
CA GLU A 143 -8.25 23.26 -19.94
C GLU A 143 -6.86 23.43 -19.32
N GLU A 144 -6.74 23.76 -18.03
CA GLU A 144 -5.41 23.77 -17.45
C GLU A 144 -4.91 22.33 -17.32
N GLY A 145 -5.84 21.42 -17.02
CA GLY A 145 -5.50 20.00 -17.02
C GLY A 145 -5.01 19.49 -18.38
N ARG A 146 -5.81 19.69 -19.42
CA ARG A 146 -5.43 19.27 -20.76
C ARG A 146 -4.11 19.93 -21.16
N ASP A 147 -3.92 21.20 -20.81
CA ASP A 147 -2.69 21.89 -21.18
C ASP A 147 -1.49 21.21 -20.52
N MET A 148 -1.62 20.81 -19.26
CA MET A 148 -0.49 20.18 -18.59
C MET A 148 -0.20 18.81 -19.20
N ALA A 149 -1.23 18.02 -19.47
CA ALA A 149 -1.09 16.72 -20.10
C ALA A 149 -0.37 16.84 -21.44
N ASN A 150 -0.69 17.91 -22.17
CA ASN A 150 -0.10 18.12 -23.48
C ASN A 150 1.37 18.41 -23.26
N ARG A 151 1.63 19.30 -22.32
CA ARG A 151 2.99 19.72 -22.05
C ARG A 151 3.87 18.54 -21.65
N ILE A 152 3.35 17.56 -20.87
CA ILE A 152 4.24 16.53 -20.32
C ILE A 152 4.33 15.34 -21.27
N GLY A 153 3.53 15.34 -22.33
CA GLY A 153 3.56 14.26 -23.28
C GLY A 153 2.82 13.02 -22.79
N ALA A 154 1.82 13.22 -21.93
CA ALA A 154 0.92 12.16 -21.51
C ALA A 154 0.28 11.49 -22.72
N PHE A 155 -0.18 10.25 -22.50
CA PHE A 155 -1.02 9.52 -23.42
C PHE A 155 -2.43 10.12 -23.50
N GLY A 156 -2.92 10.64 -22.37
CA GLY A 156 -4.19 11.35 -22.33
C GLY A 156 -4.44 12.01 -20.98
N TYR A 157 -5.60 12.68 -20.89
CA TYR A 157 -6.09 13.40 -19.74
C TYR A 157 -7.52 12.95 -19.42
N MET A 158 -7.77 12.71 -18.12
CA MET A 158 -9.06 12.23 -17.66
C MET A 158 -9.36 12.87 -16.30
N GLU A 159 -10.64 12.99 -15.98
CA GLU A 159 -11.07 13.50 -14.68
C GLU A 159 -11.96 12.47 -14.00
N CYS A 160 -11.91 12.43 -12.67
CA CYS A 160 -12.85 11.59 -11.95
C CYS A 160 -13.03 12.12 -10.53
N SER A 161 -13.99 11.51 -9.85
CA SER A 161 -14.32 11.78 -8.46
C SER A 161 -14.54 10.45 -7.78
N ALA A 162 -13.64 10.11 -6.86
CA ALA A 162 -13.77 8.88 -6.07
C ALA A 162 -15.00 8.94 -5.16
N LYS A 163 -15.34 10.12 -4.66
CA LYS A 163 -16.48 10.26 -3.77
C LYS A 163 -17.77 9.80 -4.45
N THR A 164 -18.02 10.20 -5.69
CA THR A 164 -19.28 9.91 -6.36
C THR A 164 -19.10 8.78 -7.38
N LYS A 165 -17.86 8.32 -7.54
CA LYS A 165 -17.51 7.27 -8.48
C LYS A 165 -17.64 7.71 -9.94
N ASP A 166 -17.88 9.00 -10.22
CA ASP A 166 -18.01 9.41 -11.60
C ASP A 166 -16.64 9.49 -12.28
N GLY A 167 -16.50 8.70 -13.33
CA GLY A 167 -15.29 8.69 -14.12
C GLY A 167 -14.28 7.60 -13.76
N VAL A 168 -14.46 6.88 -12.63
CA VAL A 168 -13.45 5.98 -12.10
C VAL A 168 -13.25 4.77 -13.02
N ARG A 169 -14.35 4.15 -13.45
CA ARG A 169 -14.30 2.95 -14.27
C ARG A 169 -13.58 3.27 -15.58
N GLU A 170 -13.92 4.43 -16.15
CA GLU A 170 -13.37 4.85 -17.42
C GLU A 170 -11.85 5.03 -17.34
N VAL A 171 -11.35 5.63 -16.23
CA VAL A 171 -9.91 5.76 -16.02
C VAL A 171 -9.20 4.40 -16.13
N PHE A 172 -9.69 3.40 -15.41
CA PHE A 172 -8.99 2.12 -15.32
C PHE A 172 -9.19 1.31 -16.59
N GLU A 173 -10.32 1.48 -17.27
CA GLU A 173 -10.47 0.85 -18.58
C GLU A 173 -9.46 1.46 -19.56
N MET A 174 -9.24 2.77 -19.51
CA MET A 174 -8.35 3.43 -20.45
C MET A 174 -6.90 3.06 -20.12
N ALA A 175 -6.59 2.96 -18.81
CA ALA A 175 -5.27 2.54 -18.38
C ALA A 175 -4.96 1.16 -18.93
N THR A 176 -5.98 0.28 -18.97
CA THR A 176 -5.79 -1.08 -19.46
C THR A 176 -5.45 -1.02 -20.95
N ARG A 177 -6.29 -0.32 -21.72
CA ARG A 177 -6.02 -0.08 -23.13
C ARG A 177 -4.57 0.44 -23.34
N ALA A 178 -4.12 1.36 -22.51
CA ALA A 178 -2.81 1.98 -22.68
C ALA A 178 -1.69 0.98 -22.41
N ALA A 179 -1.88 0.20 -21.33
CA ALA A 179 -0.95 -0.86 -20.97
C ALA A 179 -0.84 -1.89 -22.09
N LEU A 180 -1.89 -2.06 -22.90
CA LEU A 180 -1.93 -3.11 -23.93
C LEU A 180 -1.18 -2.73 -25.20
N GLN A 181 -0.90 -1.46 -25.48
CA GLN A 181 -0.23 -1.09 -26.73
C GLN A 181 1.08 -1.89 -26.91
N SER B 1 -2.21 -18.69 7.60
CA SER B 1 -2.91 -18.06 8.76
C SER B 1 -3.83 -19.05 9.50
N MET B 2 -4.11 -18.68 10.75
CA MET B 2 -4.91 -19.48 11.67
C MET B 2 -6.33 -18.94 11.73
N GLU B 3 -7.31 -19.85 11.60
CA GLU B 3 -8.72 -19.52 11.48
C GLU B 3 -9.19 -18.54 12.58
N MET B 4 -8.72 -18.67 13.82
CA MET B 4 -9.17 -17.83 14.91
C MET B 4 -8.86 -16.36 14.59
N ASP B 5 -7.61 -16.07 14.21
CA ASP B 5 -7.23 -14.69 13.93
C ASP B 5 -7.89 -14.12 12.68
N GLU B 6 -7.91 -14.87 11.57
CA GLU B 6 -8.60 -14.51 10.35
C GLU B 6 -10.07 -14.17 10.63
N LYS B 7 -10.74 -14.95 11.50
CA LYS B 7 -12.13 -14.70 11.84
C LYS B 7 -12.28 -13.36 12.58
N ASP B 8 -11.43 -13.10 13.57
CA ASP B 8 -11.43 -11.88 14.33
C ASP B 8 -11.16 -10.65 13.46
N PHE B 9 -10.48 -10.81 12.30
CA PHE B 9 -10.15 -9.66 11.44
C PHE B 9 -10.83 -9.74 10.06
N ALA B 10 -11.91 -10.48 9.95
CA ALA B 10 -12.60 -10.68 8.68
C ALA B 10 -13.41 -9.45 8.28
N ALA B 11 -13.90 -8.70 9.26
CA ALA B 11 -14.77 -7.57 9.01
C ALA B 11 -13.98 -6.39 8.45
N ASP B 12 -14.69 -5.56 7.66
CA ASP B 12 -14.13 -4.39 7.02
C ASP B 12 -13.72 -3.34 8.06
N SER B 13 -14.31 -3.31 9.28
CA SER B 13 -13.86 -2.39 10.33
C SER B 13 -14.15 -2.93 11.73
N TRP B 14 -13.48 -2.33 12.71
CA TRP B 14 -13.82 -2.47 14.12
C TRP B 14 -15.34 -2.35 14.30
N SER B 15 -15.94 -1.34 13.66
CA SER B 15 -17.34 -1.02 13.94
C SER B 15 -18.24 -2.17 13.49
N LEU B 16 -17.80 -2.95 12.50
CA LEU B 16 -18.55 -4.11 12.04
C LEU B 16 -18.10 -5.42 12.73
N ALA B 17 -16.90 -5.45 13.33
CA ALA B 17 -16.39 -6.69 13.91
C ALA B 17 -17.05 -6.95 15.26
N VAL B 18 -17.27 -5.88 16.04
CA VAL B 18 -17.92 -5.97 17.35
C VAL B 18 -19.43 -6.12 17.15
N ASP B 19 -20.13 -6.61 18.19
CA ASP B 19 -21.59 -6.58 18.24
C ASP B 19 -22.02 -5.12 18.28
N SER B 20 -23.18 -4.82 17.68
CA SER B 20 -23.69 -3.46 17.60
C SER B 20 -24.30 -3.02 18.93
N SER B 21 -24.80 -3.95 19.75
CA SER B 21 -25.18 -3.57 21.10
C SER B 21 -23.99 -2.96 21.83
N PHE B 22 -22.76 -3.43 21.51
CA PHE B 22 -21.51 -2.94 22.10
C PHE B 22 -21.05 -1.61 21.48
N LEU B 23 -21.23 -1.50 20.15
CA LEU B 23 -20.82 -0.32 19.40
C LEU B 23 -21.55 0.93 19.93
N GLN B 24 -22.86 0.78 20.16
CA GLN B 24 -23.75 1.87 20.53
C GLN B 24 -23.39 2.49 21.87
N GLN B 25 -22.74 1.74 22.73
CA GLN B 25 -22.32 2.27 24.00
C GLN B 25 -21.06 3.12 23.89
N HIS B 26 -20.55 3.41 22.69
CA HIS B 26 -19.28 4.15 22.60
C HIS B 26 -19.47 5.45 21.82
N LYS B 27 -18.64 6.42 22.17
CA LYS B 27 -18.56 7.70 21.47
C LYS B 27 -17.99 7.53 20.05
N LYS B 28 -18.40 8.43 19.15
CA LYS B 28 -17.94 8.34 17.79
C LYS B 28 -16.41 8.41 17.77
N GLU B 29 -15.84 9.23 18.65
CA GLU B 29 -14.40 9.47 18.55
C GLU B 29 -13.68 8.16 18.89
N VAL B 30 -14.16 7.44 19.91
CA VAL B 30 -13.63 6.12 20.24
C VAL B 30 -13.74 5.19 19.02
N MET B 31 -14.87 5.20 18.32
CA MET B 31 -15.08 4.26 17.24
C MET B 31 -14.09 4.51 16.12
N LYS B 32 -13.80 5.80 15.87
CA LYS B 32 -12.92 6.18 14.78
C LYS B 32 -11.49 5.79 15.15
N GLN B 33 -11.12 5.93 16.42
CA GLN B 33 -9.82 5.46 16.88
C GLN B 33 -9.70 3.96 16.64
N GLN B 34 -10.71 3.22 17.13
CA GLN B 34 -10.61 1.78 17.19
C GLN B 34 -10.55 1.24 15.76
N ASP B 35 -11.30 1.85 14.86
CA ASP B 35 -11.31 1.50 13.45
C ASP B 35 -9.89 1.52 12.88
N VAL B 36 -9.12 2.55 13.23
CA VAL B 36 -7.79 2.66 12.63
C VAL B 36 -6.87 1.66 13.31
N ILE B 37 -7.04 1.47 14.63
CA ILE B 37 -6.21 0.52 15.33
C ILE B 37 -6.44 -0.86 14.72
N TYR B 38 -7.70 -1.25 14.56
CA TYR B 38 -8.07 -2.51 13.91
C TYR B 38 -7.42 -2.65 12.54
N GLU B 39 -7.38 -1.56 11.76
CA GLU B 39 -6.76 -1.60 10.44
C GLU B 39 -5.26 -1.87 10.56
N LEU B 40 -4.60 -1.25 11.57
CA LEU B 40 -3.18 -1.48 11.78
C LEU B 40 -2.93 -2.96 12.00
N ILE B 41 -3.75 -3.60 12.86
CA ILE B 41 -3.55 -4.99 13.25
C ILE B 41 -3.88 -5.92 12.09
N GLN B 42 -5.00 -5.63 11.40
CA GLN B 42 -5.42 -6.41 10.24
C GLN B 42 -4.31 -6.44 9.18
N THR B 43 -3.68 -5.28 8.90
CA THR B 43 -2.73 -5.22 7.80
C THR B 43 -1.42 -5.86 8.24
N GLU B 44 -1.17 -5.86 9.57
CA GLU B 44 -0.02 -6.56 10.12
C GLU B 44 -0.20 -8.08 10.01
N LEU B 45 -1.41 -8.57 10.30
CA LEU B 45 -1.75 -9.97 10.07
C LEU B 45 -1.54 -10.33 8.59
N HIS B 46 -1.97 -9.45 7.69
CA HIS B 46 -1.80 -9.76 6.27
C HIS B 46 -0.32 -9.76 5.89
N HIS B 47 0.45 -8.85 6.48
CA HIS B 47 1.88 -8.75 6.17
C HIS B 47 2.63 -10.01 6.62
N VAL B 48 2.27 -10.58 7.80
CA VAL B 48 2.88 -11.81 8.29
C VAL B 48 2.50 -12.99 7.39
N ARG B 49 1.23 -13.06 6.98
CA ARG B 49 0.80 -14.02 5.99
C ARG B 49 1.67 -14.00 4.73
N THR B 50 1.94 -12.80 4.21
CA THR B 50 2.76 -12.63 3.02
C THR B 50 4.15 -13.26 3.23
N LEU B 51 4.77 -12.90 4.36
CA LEU B 51 6.05 -13.46 4.72
C LEU B 51 5.95 -14.97 4.93
N LYS B 52 4.82 -15.52 5.40
CA LYS B 52 4.73 -16.95 5.57
C LYS B 52 4.54 -17.63 4.21
N ILE B 53 3.83 -16.98 3.29
CA ILE B 53 3.73 -17.52 1.94
C ILE B 53 5.14 -17.61 1.37
N MET B 54 5.98 -16.61 1.68
CA MET B 54 7.30 -16.53 1.08
C MET B 54 8.22 -17.59 1.66
N THR B 55 8.12 -17.84 2.97
CA THR B 55 9.05 -18.78 3.61
C THR B 55 8.60 -20.21 3.36
N ARG B 56 7.31 -20.49 3.50
CA ARG B 56 6.84 -21.87 3.60
C ARG B 56 6.42 -22.42 2.24
N LEU B 57 5.70 -21.64 1.42
CA LEU B 57 5.23 -22.10 0.11
C LEU B 57 6.34 -21.95 -0.91
N PHE B 58 6.85 -20.73 -1.05
CA PHE B 58 7.78 -20.48 -2.12
C PHE B 58 9.16 -21.06 -1.79
N ARG B 59 9.81 -20.59 -0.74
CA ARG B 59 11.21 -20.92 -0.47
C ARG B 59 11.44 -22.42 -0.19
N THR B 60 10.68 -22.96 0.75
CA THR B 60 10.76 -24.34 1.16
C THR B 60 10.37 -25.28 0.00
N GLY B 61 9.30 -24.95 -0.71
CA GLY B 61 8.94 -25.72 -1.89
C GLY B 61 10.02 -25.73 -2.97
N MET B 62 10.78 -24.65 -3.10
CA MET B 62 11.85 -24.62 -4.08
C MET B 62 12.95 -25.58 -3.63
N LEU B 63 13.25 -25.55 -2.31
CA LEU B 63 14.27 -26.38 -1.72
C LEU B 63 13.90 -27.85 -1.82
N GLU B 64 12.61 -28.17 -1.59
CA GLU B 64 12.16 -29.55 -1.43
C GLU B 64 11.49 -30.17 -2.66
N GLU B 65 11.31 -29.46 -3.78
CA GLU B 65 10.59 -30.04 -4.91
C GLU B 65 11.41 -29.91 -6.18
N LEU B 66 11.80 -28.68 -6.53
CA LEU B 66 12.99 -28.47 -7.34
C LEU B 66 14.15 -28.82 -6.43
N HIS B 67 15.37 -28.62 -6.90
CA HIS B 67 16.49 -28.78 -5.99
C HIS B 67 17.50 -27.75 -6.45
N LEU B 68 17.06 -26.49 -6.41
CA LEU B 68 17.91 -25.35 -6.69
C LEU B 68 18.93 -25.22 -5.56
N GLU B 69 20.16 -24.84 -5.92
CA GLU B 69 21.18 -24.46 -4.94
C GLU B 69 20.55 -23.47 -3.96
N PRO B 70 20.74 -23.65 -2.62
CA PRO B 70 20.26 -22.68 -1.64
C PRO B 70 20.71 -21.24 -1.88
N GLY B 71 21.74 -21.03 -2.71
CA GLY B 71 22.22 -19.69 -2.93
C GLY B 71 21.32 -18.89 -3.87
N VAL B 72 20.72 -19.61 -4.83
CA VAL B 72 19.80 -19.04 -5.77
C VAL B 72 18.51 -18.67 -5.02
N VAL B 73 18.03 -19.60 -4.17
CA VAL B 73 16.81 -19.41 -3.41
C VAL B 73 16.98 -18.22 -2.46
N GLN B 74 18.17 -18.05 -1.92
CA GLN B 74 18.46 -16.98 -0.97
C GLN B 74 18.49 -15.63 -1.70
N GLY B 75 18.88 -15.65 -2.98
CA GLY B 75 18.77 -14.49 -3.84
C GLY B 75 17.33 -14.08 -4.13
N LEU B 76 16.39 -15.05 -4.22
CA LEU B 76 15.00 -14.76 -4.53
C LEU B 76 14.24 -14.26 -3.30
N PHE B 77 14.62 -14.71 -2.10
CA PHE B 77 13.91 -14.42 -0.85
C PHE B 77 14.88 -13.94 0.23
N PRO B 78 15.58 -12.80 0.05
CA PRO B 78 16.60 -12.43 1.02
C PRO B 78 16.02 -12.10 2.39
N CYS B 79 16.56 -12.66 3.48
CA CYS B 79 16.29 -12.12 4.80
C CYS B 79 14.87 -12.45 5.32
N VAL B 80 14.17 -13.39 4.67
CA VAL B 80 12.75 -13.61 4.95
C VAL B 80 12.55 -14.20 6.35
N ASP B 81 13.50 -15.04 6.79
CA ASP B 81 13.42 -15.66 8.12
C ASP B 81 13.46 -14.58 9.18
N GLU B 82 14.33 -13.59 9.00
CA GLU B 82 14.53 -12.56 9.99
C GLU B 82 13.34 -11.62 9.96
N LEU B 83 12.84 -11.29 8.76
CA LEU B 83 11.65 -10.45 8.67
C LEU B 83 10.46 -11.19 9.29
N SER B 84 10.38 -12.48 9.01
CA SER B 84 9.29 -13.29 9.58
C SER B 84 9.30 -13.19 11.12
N ASP B 85 10.49 -13.28 11.73
CA ASP B 85 10.59 -13.23 13.19
C ASP B 85 10.22 -11.86 13.74
N ILE B 86 10.70 -10.79 13.11
CA ILE B 86 10.38 -9.44 13.53
C ILE B 86 8.87 -9.23 13.58
N HIS B 87 8.18 -9.59 12.48
CA HIS B 87 6.80 -9.19 12.30
C HIS B 87 5.89 -10.14 13.07
N THR B 88 6.23 -11.42 13.14
CA THR B 88 5.43 -12.35 13.92
C THR B 88 5.41 -11.97 15.41
N ARG B 89 6.52 -11.46 15.93
CA ARG B 89 6.59 -11.04 17.31
C ARG B 89 5.75 -9.78 17.53
N PHE B 90 5.88 -8.82 16.64
CA PHE B 90 5.11 -7.59 16.72
C PHE B 90 3.64 -7.95 16.64
N LEU B 91 3.30 -8.84 15.72
CA LEU B 91 1.91 -9.23 15.63
C LEU B 91 1.43 -9.87 16.93
N SER B 92 2.25 -10.75 17.54
CA SER B 92 1.74 -11.44 18.71
C SER B 92 1.49 -10.45 19.85
N GLN B 93 2.24 -9.35 19.93
CA GLN B 93 2.01 -8.35 20.95
C GLN B 93 0.73 -7.56 20.67
N LEU B 94 0.50 -7.18 19.41
CA LEU B 94 -0.75 -6.55 19.03
C LEU B 94 -1.94 -7.44 19.40
N LEU B 95 -1.89 -8.73 19.03
CA LEU B 95 -3.03 -9.62 19.25
C LEU B 95 -3.22 -9.88 20.75
N GLU B 96 -2.12 -9.83 21.52
CA GLU B 96 -2.19 -10.06 22.97
C GLU B 96 -2.85 -8.86 23.63
N ARG B 97 -2.51 -7.66 23.16
CA ARG B 97 -3.11 -6.43 23.64
C ARG B 97 -4.61 -6.39 23.33
N ARG B 98 -5.04 -6.94 22.18
CA ARG B 98 -6.46 -6.99 21.88
C ARG B 98 -7.14 -7.99 22.80
N ARG B 99 -6.48 -9.09 23.10
CA ARG B 99 -7.13 -10.17 23.86
C ARG B 99 -7.26 -9.77 25.32
N GLN B 100 -6.23 -9.10 25.86
CA GLN B 100 -6.31 -8.58 27.22
C GLN B 100 -7.53 -7.68 27.39
N ALA B 101 -7.94 -7.04 26.30
CA ALA B 101 -8.91 -5.95 26.38
C ALA B 101 -10.33 -6.45 26.10
N LEU B 102 -10.51 -7.76 25.88
CA LEU B 102 -11.83 -8.31 25.60
C LEU B 102 -12.70 -8.24 26.86
N CYS B 103 -13.99 -7.92 26.66
CA CYS B 103 -15.03 -8.10 27.66
C CYS B 103 -15.15 -9.57 28.02
N PRO B 104 -15.16 -9.93 29.33
CA PRO B 104 -15.51 -11.28 29.77
C PRO B 104 -16.81 -11.72 29.09
N GLY B 105 -16.87 -12.99 28.63
CA GLY B 105 -18.04 -13.48 27.91
C GLY B 105 -18.00 -13.20 26.40
N SER B 106 -17.00 -12.43 25.92
CA SER B 106 -16.95 -12.06 24.51
C SER B 106 -15.60 -12.45 23.90
N THR B 107 -15.65 -12.98 22.66
CA THR B 107 -14.45 -13.13 21.86
C THR B 107 -14.28 -12.04 20.79
N ARG B 108 -15.11 -10.99 20.82
CA ARG B 108 -15.02 -9.95 19.79
C ARG B 108 -15.14 -8.51 20.30
N ASN B 109 -15.75 -8.25 21.46
CA ASN B 109 -15.93 -6.89 21.92
C ASN B 109 -14.72 -6.44 22.75
N PHE B 110 -14.02 -5.42 22.25
CA PHE B 110 -12.86 -4.89 22.93
C PHE B 110 -12.62 -3.44 22.53
N VAL B 111 -11.87 -2.75 23.37
CA VAL B 111 -11.36 -1.40 23.13
C VAL B 111 -9.92 -1.37 23.62
N ILE B 112 -8.98 -0.94 22.75
CA ILE B 112 -7.59 -0.76 23.10
C ILE B 112 -7.32 0.73 23.41
N HIS B 113 -7.01 1.01 24.67
CA HIS B 113 -6.79 2.37 25.16
C HIS B 113 -5.32 2.77 25.04
N ARG B 114 -4.41 1.80 24.95
CA ARG B 114 -2.99 2.10 25.06
C ARG B 114 -2.25 1.35 23.97
N LEU B 115 -1.85 2.06 22.94
CA LEU B 115 -1.15 1.40 21.86
C LEU B 115 0.23 2.02 21.80
N GLY B 116 0.29 3.30 22.12
CA GLY B 116 1.51 4.08 22.06
C GLY B 116 2.76 3.35 22.58
N ASP B 117 2.67 2.81 23.80
CA ASP B 117 3.79 2.16 24.49
C ASP B 117 4.34 1.03 23.64
N LEU B 118 3.43 0.28 23.04
CA LEU B 118 3.80 -0.93 22.34
C LEU B 118 4.49 -0.55 21.03
N LEU B 119 3.96 0.50 20.40
CA LEU B 119 4.63 1.07 19.23
C LEU B 119 6.01 1.66 19.59
N ILE B 120 6.12 2.34 20.74
CA ILE B 120 7.42 2.90 21.14
C ILE B 120 8.43 1.77 21.28
N SER B 121 8.00 0.66 21.89
CA SER B 121 8.85 -0.51 22.07
C SER B 121 9.37 -1.08 20.74
N GLN B 122 8.42 -1.38 19.86
CA GLN B 122 8.76 -1.95 18.57
C GLN B 122 9.79 -1.08 17.84
N PHE B 123 9.62 0.24 17.87
CA PHE B 123 10.36 1.16 16.99
C PHE B 123 11.51 1.87 17.71
N SER B 124 12.02 1.29 18.79
CA SER B 124 13.18 1.80 19.51
C SER B 124 13.99 0.64 20.05
N GLY B 125 15.26 0.92 20.38
CA GLY B 125 16.08 -0.06 21.06
C GLY B 125 16.61 -1.12 20.10
N PRO B 126 17.04 -2.28 20.60
CA PRO B 126 17.34 -3.44 19.76
C PRO B 126 16.33 -3.81 18.66
N SER B 127 15.02 -3.78 18.95
CA SER B 127 14.07 -4.19 17.92
C SER B 127 14.10 -3.20 16.74
N ALA B 128 14.25 -1.90 17.00
CA ALA B 128 14.31 -0.92 15.92
C ALA B 128 15.58 -1.08 15.08
N GLU B 129 16.69 -1.51 15.68
CA GLU B 129 17.93 -1.70 14.94
C GLU B 129 17.85 -2.91 14.02
N GLN B 130 17.15 -3.94 14.48
CA GLN B 130 17.04 -5.15 13.70
C GLN B 130 16.19 -4.86 12.46
N MET B 131 15.16 -4.01 12.61
CA MET B 131 14.33 -3.59 11.48
C MET B 131 15.14 -2.74 10.49
N CYS B 132 15.87 -1.73 10.98
CA CYS B 132 16.71 -0.91 10.11
C CYS B 132 17.67 -1.79 9.28
N LYS B 133 18.36 -2.72 9.92
CA LYS B 133 19.35 -3.49 9.19
C LYS B 133 18.69 -4.47 8.24
N THR B 134 17.60 -5.11 8.68
CA THR B 134 16.97 -6.13 7.85
C THR B 134 16.34 -5.46 6.62
N TYR B 135 15.73 -4.28 6.78
CA TYR B 135 15.08 -3.61 5.67
C TYR B 135 16.11 -2.95 4.74
N SER B 136 17.20 -2.40 5.30
CA SER B 136 18.31 -1.96 4.46
C SER B 136 18.85 -3.10 3.60
N GLU B 137 19.00 -4.27 4.18
CA GLU B 137 19.48 -5.42 3.44
C GLU B 137 18.45 -5.79 2.37
N PHE B 138 17.17 -5.98 2.76
CA PHE B 138 16.17 -6.54 1.85
C PHE B 138 15.90 -5.59 0.67
N CYS B 139 15.67 -4.31 0.97
CA CYS B 139 15.41 -3.30 -0.02
C CYS B 139 16.60 -3.10 -0.96
N SER B 140 17.84 -3.27 -0.51
CA SER B 140 19.00 -3.25 -1.41
C SER B 140 19.03 -4.45 -2.35
N ARG B 141 18.36 -5.56 -1.99
CA ARG B 141 18.45 -6.79 -2.77
C ARG B 141 17.18 -7.03 -3.58
N HIS B 142 16.32 -6.01 -3.61
CA HIS B 142 14.96 -6.16 -4.08
C HIS B 142 15.01 -6.33 -5.58
N SER B 143 15.71 -5.39 -6.22
CA SER B 143 15.81 -5.37 -7.66
C SER B 143 16.44 -6.67 -8.17
N LYS B 144 17.54 -7.09 -7.55
CA LYS B 144 18.23 -8.32 -7.93
C LYS B 144 17.30 -9.52 -7.82
N ALA B 145 16.41 -9.49 -6.83
CA ALA B 145 15.50 -10.59 -6.58
C ALA B 145 14.51 -10.73 -7.75
N LEU B 146 14.00 -9.60 -8.26
CA LEU B 146 13.05 -9.62 -9.37
C LEU B 146 13.73 -10.16 -10.63
N LYS B 147 14.96 -9.71 -10.94
CA LYS B 147 15.67 -10.12 -12.15
C LYS B 147 15.95 -11.61 -12.10
N LEU B 148 16.42 -12.10 -10.96
CA LEU B 148 16.62 -13.50 -10.72
C LEU B 148 15.34 -14.32 -10.89
N TYR B 149 14.19 -13.83 -10.40
CA TYR B 149 12.93 -14.53 -10.62
C TYR B 149 12.64 -14.66 -12.13
N LYS B 150 12.83 -13.59 -12.89
CA LYS B 150 12.47 -13.58 -14.30
C LYS B 150 13.43 -14.46 -15.12
N GLU B 151 14.71 -14.45 -14.76
CA GLU B 151 15.70 -15.32 -15.40
C GLU B 151 15.26 -16.77 -15.21
N LEU B 152 14.98 -17.19 -13.96
CA LEU B 152 14.58 -18.57 -13.68
C LEU B 152 13.28 -18.94 -14.37
N TYR B 153 12.32 -18.02 -14.42
CA TYR B 153 11.04 -18.28 -15.07
C TYR B 153 11.23 -18.56 -16.56
N ALA B 154 12.06 -17.76 -17.24
CA ALA B 154 12.17 -17.79 -18.68
C ALA B 154 12.97 -19.00 -19.18
N ARG B 155 13.79 -19.59 -18.31
CA ARG B 155 14.80 -20.56 -18.73
C ARG B 155 14.42 -21.97 -18.32
N ASP B 156 13.82 -22.13 -17.14
CA ASP B 156 13.58 -23.44 -16.55
C ASP B 156 12.08 -23.73 -16.60
N LYS B 157 11.69 -24.77 -17.36
CA LYS B 157 10.29 -25.12 -17.53
C LYS B 157 9.73 -25.73 -16.23
N ARG B 158 10.57 -26.42 -15.44
CA ARG B 158 10.12 -26.99 -14.18
C ARG B 158 9.82 -25.88 -13.16
N PHE B 159 10.60 -24.78 -13.21
CA PHE B 159 10.40 -23.62 -12.35
C PHE B 159 9.03 -23.02 -12.63
N GLN B 160 8.76 -22.79 -13.91
CA GLN B 160 7.46 -22.32 -14.34
C GLN B 160 6.36 -23.21 -13.80
N GLN B 161 6.52 -24.54 -13.89
CA GLN B 161 5.48 -25.46 -13.47
C GLN B 161 5.19 -25.30 -11.97
N PHE B 162 6.27 -25.20 -11.19
CA PHE B 162 6.21 -25.03 -9.75
C PHE B 162 5.42 -23.76 -9.42
N ILE B 163 5.75 -22.66 -10.11
CA ILE B 163 5.09 -21.40 -9.83
C ILE B 163 3.61 -21.49 -10.18
N ARG B 164 3.33 -21.97 -11.39
CA ARG B 164 1.95 -22.10 -11.86
C ARG B 164 1.20 -23.01 -10.90
N LYS B 165 1.88 -23.99 -10.31
CA LYS B 165 1.23 -24.88 -9.36
C LYS B 165 0.91 -24.16 -8.04
N VAL B 166 1.92 -23.58 -7.37
CA VAL B 166 1.69 -23.06 -6.02
C VAL B 166 0.86 -21.77 -6.08
N THR B 167 0.80 -21.05 -7.22
CA THR B 167 0.01 -19.82 -7.26
C THR B 167 -1.35 -20.02 -7.94
N ARG B 168 -1.77 -21.28 -8.13
CA ARG B 168 -3.05 -21.55 -8.77
C ARG B 168 -4.24 -21.19 -7.88
N PRO B 169 -4.22 -21.40 -6.54
CA PRO B 169 -5.38 -21.03 -5.73
C PRO B 169 -5.81 -19.56 -5.80
N ALA B 170 -7.12 -19.32 -5.80
CA ALA B 170 -7.65 -17.97 -5.80
C ALA B 170 -7.02 -17.11 -4.69
N VAL B 171 -6.82 -17.69 -3.50
CA VAL B 171 -6.34 -16.92 -2.37
C VAL B 171 -4.88 -16.46 -2.57
N LEU B 172 -4.22 -16.80 -3.69
CA LEU B 172 -2.88 -16.32 -3.97
C LEU B 172 -2.87 -15.46 -5.22
N LYS B 173 -4.04 -14.96 -5.59
CA LYS B 173 -4.19 -14.14 -6.77
C LYS B 173 -3.24 -12.92 -6.71
N ARG B 174 -3.14 -12.28 -5.54
CA ARG B 174 -2.30 -11.12 -5.34
C ARG B 174 -0.89 -11.40 -4.79
N HIS B 175 -0.48 -12.68 -4.70
CA HIS B 175 0.66 -13.03 -3.87
C HIS B 175 1.66 -13.86 -4.67
N GLY B 176 1.84 -13.53 -5.96
CA GLY B 176 2.95 -14.10 -6.69
C GLY B 176 4.27 -13.61 -6.08
N VAL B 177 5.38 -14.13 -6.58
CA VAL B 177 6.68 -13.87 -5.98
C VAL B 177 6.97 -12.37 -6.01
N GLN B 178 6.77 -11.72 -7.15
CA GLN B 178 7.18 -10.33 -7.31
C GLN B 178 6.28 -9.43 -6.46
N GLU B 179 5.00 -9.79 -6.40
CA GLU B 179 4.02 -9.08 -5.62
C GLU B 179 4.49 -9.09 -4.17
N CYS B 180 4.83 -10.30 -3.71
CA CYS B 180 5.23 -10.49 -2.33
C CYS B 180 6.39 -9.56 -1.98
N ILE B 181 7.38 -9.48 -2.86
CA ILE B 181 8.59 -8.71 -2.59
C ILE B 181 8.26 -7.23 -2.43
N LEU B 182 7.30 -6.76 -3.24
CA LEU B 182 6.95 -5.35 -3.21
C LEU B 182 6.03 -5.08 -2.03
N LEU B 183 5.16 -6.05 -1.69
CA LEU B 183 4.27 -5.88 -0.55
C LEU B 183 5.08 -5.63 0.72
N VAL B 184 6.23 -6.30 0.81
CA VAL B 184 7.06 -6.26 2.00
C VAL B 184 7.77 -4.91 2.01
N THR B 185 8.42 -4.55 0.89
CA THR B 185 9.13 -3.30 0.78
C THR B 185 8.23 -2.11 1.08
N GLN B 186 6.97 -2.17 0.67
CA GLN B 186 6.03 -1.08 0.92
C GLN B 186 5.48 -1.05 2.33
N ARG B 187 5.57 -2.16 3.09
CA ARG B 187 5.00 -2.22 4.41
C ARG B 187 5.50 -1.07 5.29
N ILE B 188 6.81 -0.86 5.34
CA ILE B 188 7.32 0.05 6.34
C ILE B 188 6.79 1.47 6.11
N THR B 189 6.54 1.85 4.85
CA THR B 189 6.02 3.19 4.56
C THR B 189 4.53 3.33 4.88
N LYS B 190 3.84 2.23 5.23
CA LYS B 190 2.47 2.32 5.68
C LYS B 190 2.36 2.81 7.13
N TYR B 191 3.37 2.58 7.98
CA TYR B 191 3.20 2.72 9.43
C TYR B 191 2.89 4.18 9.81
N PRO B 192 3.56 5.20 9.24
CA PRO B 192 3.26 6.60 9.56
C PRO B 192 1.84 7.08 9.23
N LEU B 193 1.26 6.55 8.16
CA LEU B 193 -0.09 6.92 7.80
C LEU B 193 -1.09 6.42 8.85
N LEU B 194 -0.98 5.13 9.17
CA LEU B 194 -1.78 4.48 10.18
C LEU B 194 -1.60 5.18 11.53
N ILE B 195 -0.35 5.43 11.91
CA ILE B 195 -0.09 5.97 13.22
C ILE B 195 -0.61 7.39 13.30
N SER B 196 -0.50 8.20 12.21
CA SER B 196 -1.00 9.57 12.29
C SER B 196 -2.53 9.59 12.39
N ARG B 197 -3.21 8.64 11.74
CA ARG B 197 -4.65 8.72 11.74
C ARG B 197 -5.13 8.23 13.11
N ILE B 198 -4.36 7.31 13.73
CA ILE B 198 -4.68 6.93 15.11
C ILE B 198 -4.53 8.16 16.01
N LEU B 199 -3.39 8.85 15.90
CA LEU B 199 -3.03 9.97 16.75
C LEU B 199 -4.07 11.07 16.65
N GLN B 200 -4.64 11.28 15.47
CA GLN B 200 -5.65 12.30 15.24
C GLN B 200 -6.93 12.02 16.05
N HIS B 201 -7.19 10.77 16.43
CA HIS B 201 -8.38 10.45 17.22
C HIS B 201 -8.00 10.01 18.65
N SER B 202 -6.77 10.37 19.09
CA SER B 202 -6.28 9.94 20.39
C SER B 202 -5.93 11.11 21.32
N HIS B 203 -6.65 12.24 21.21
CA HIS B 203 -6.40 13.44 22.02
C HIS B 203 -7.02 13.34 23.43
N GLY B 204 -8.11 12.60 23.59
CA GLY B 204 -8.77 12.39 24.88
C GLY B 204 -7.86 12.17 26.09
N ILE B 205 -6.83 11.32 25.98
CA ILE B 205 -5.93 11.08 27.11
C ILE B 205 -4.54 11.62 26.75
N GLU B 206 -4.00 12.58 27.52
CA GLU B 206 -2.82 13.27 27.05
C GLU B 206 -1.62 12.33 26.93
N GLU B 207 -1.46 11.33 27.83
CA GLU B 207 -0.32 10.42 27.79
C GLU B 207 -0.30 9.60 26.50
N GLU B 208 -1.48 9.19 26.01
CA GLU B 208 -1.59 8.41 24.78
C GLU B 208 -1.18 9.29 23.59
N ARG B 209 -1.68 10.52 23.53
CA ARG B 209 -1.23 11.46 22.51
C ARG B 209 0.29 11.57 22.47
N GLN B 210 0.94 11.67 23.63
CA GLN B 210 2.37 11.88 23.65
C GLN B 210 3.07 10.59 23.20
N ASP B 211 2.59 9.43 23.66
CA ASP B 211 3.18 8.14 23.28
C ASP B 211 3.10 7.90 21.76
N LEU B 212 1.98 8.27 21.14
CA LEU B 212 1.76 8.08 19.71
C LEU B 212 2.64 9.05 18.93
N THR B 213 2.77 10.27 19.46
CA THR B 213 3.66 11.27 18.87
C THR B 213 5.09 10.78 18.87
N THR B 214 5.52 10.22 19.99
CA THR B 214 6.87 9.67 20.03
C THR B 214 7.03 8.52 19.01
N ALA B 215 5.99 7.67 18.89
CA ALA B 215 6.08 6.51 18.02
C ALA B 215 6.26 6.99 16.58
N LEU B 216 5.51 8.04 16.20
CA LEU B 216 5.51 8.56 14.86
C LEU B 216 6.90 9.06 14.49
N GLY B 217 7.53 9.82 15.40
CA GLY B 217 8.91 10.28 15.22
C GLY B 217 9.87 9.13 15.03
N LEU B 218 9.70 8.09 15.84
CA LEU B 218 10.58 6.94 15.77
C LEU B 218 10.45 6.20 14.43
N VAL B 219 9.22 6.03 13.95
CA VAL B 219 8.98 5.36 12.69
C VAL B 219 9.66 6.17 11.57
N LYS B 220 9.39 7.47 11.50
CA LYS B 220 9.94 8.30 10.45
C LYS B 220 11.46 8.27 10.53
N GLU B 221 12.03 8.13 11.72
CA GLU B 221 13.48 8.11 11.82
C GLU B 221 14.01 6.79 11.27
N LEU B 222 13.28 5.70 11.52
CA LEU B 222 13.65 4.40 10.98
C LEU B 222 13.54 4.40 9.45
N LEU B 223 12.42 4.92 8.93
CA LEU B 223 12.26 5.04 7.48
C LEU B 223 13.41 5.85 6.88
N SER B 224 13.74 6.98 7.51
CA SER B 224 14.83 7.84 7.08
C SER B 224 16.16 7.09 7.01
N ASN B 225 16.49 6.31 8.04
CA ASN B 225 17.76 5.58 8.02
C ASN B 225 17.74 4.49 6.96
N VAL B 226 16.64 3.74 6.85
CA VAL B 226 16.55 2.68 5.84
C VAL B 226 16.76 3.27 4.44
N ASP B 227 16.16 4.45 4.22
CA ASP B 227 16.25 5.09 2.92
C ASP B 227 17.71 5.49 2.61
N GLU B 228 18.45 6.01 3.61
CA GLU B 228 19.86 6.36 3.39
C GLU B 228 20.70 5.09 3.19
N GLY B 229 20.25 3.92 3.67
CA GLY B 229 21.11 2.76 3.69
C GLY B 229 21.04 1.88 2.43
N ILE B 230 20.22 2.29 1.47
CA ILE B 230 19.87 1.45 0.32
C ILE B 230 20.79 1.79 -0.85
N TYR B 231 21.34 0.74 -1.48
CA TYR B 231 21.88 0.82 -2.82
C TYR B 231 21.59 -0.49 -3.55
N GLN B 232 20.93 -0.42 -4.72
CA GLN B 232 20.57 -1.64 -5.44
C GLN B 232 21.85 -2.40 -5.81
N LEU B 233 21.90 -3.70 -5.47
CA LEU B 233 22.88 -4.65 -6.00
C LEU B 233 22.44 -5.11 -7.38
N GLU B 234 23.40 -5.61 -8.20
CA GLU B 234 23.11 -6.06 -9.57
C GLU B 234 23.72 -7.44 -9.83
N LYS B 235 23.34 -8.09 -10.95
CA LYS B 235 23.94 -9.37 -11.32
C LYS B 235 23.71 -9.65 -12.81
N GLY B 236 24.17 -10.83 -13.29
CA GLY B 236 23.99 -11.27 -14.67
C GLY B 236 25.21 -12.00 -15.19
#